data_2NSG
#
_entry.id   2NSG
#
_cell.length_a   66.630
_cell.length_b   66.630
_cell.length_c   129.420
_cell.angle_alpha   90.000
_cell.angle_beta   90.000
_cell.angle_gamma   120.000
#
_symmetry.space_group_name_H-M   'P 32 2 1'
#
loop_
_entity.id
_entity.type
_entity.pdbx_description
1 polymer 'Hypothetical protein Cgl3021'
2 non-polymer 'SULFATE ION'
3 non-polymer GLYCEROL
4 water water
#
_entity_poly.entity_id   1
_entity_poly.type   'polypeptide(L)'
_entity_poly.pdbx_seq_one_letter_code
;MGSSHHHHHHSSGLVPRGSHMTTFHDLPLEERLTLARLGTSHYSRQLSLVDNAEFGEHSLLEGWTRSHLIAAVAYNAIAL
CNLMHWANTGEETPMYVSPEARNEEIAYGSTLNPDALRNLHEHSVARLDVAWRETSEDAWSHEVLTAQGRTVPASETLWM
RSREVWIHAVDLGAVATFGDIPEVILRTLAAEITQKWTSQGAGEGLVLLDEPSSTRYPAAPGQDEVVVSGSLAGIVRYAA
GRGSDGVTSSTGEVPEPPRWL
;
_entity_poly.pdbx_strand_id   A
#
loop_
_chem_comp.id
_chem_comp.type
_chem_comp.name
_chem_comp.formula
GOL non-polymer GLYCEROL 'C3 H8 O3'
SO4 non-polymer 'SULFATE ION' 'O4 S -2'
#
# COMPACT_ATOMS: atom_id res chain seq x y z
N MET A 21 0.62 -18.86 10.56
CA MET A 21 0.75 -17.42 10.27
C MET A 21 -0.23 -17.00 9.19
N THR A 22 -1.42 -16.59 9.62
CA THR A 22 -2.47 -16.17 8.70
C THR A 22 -2.19 -14.85 8.00
N THR A 23 -2.89 -14.63 6.89
CA THR A 23 -2.72 -13.41 6.12
C THR A 23 -3.83 -12.43 6.48
N PHE A 24 -3.65 -11.19 6.07
CA PHE A 24 -4.63 -10.14 6.34
C PHE A 24 -6.01 -10.58 5.84
N HIS A 25 -6.03 -11.22 4.69
CA HIS A 25 -7.26 -11.68 4.06
C HIS A 25 -8.12 -12.67 4.84
N ASP A 26 -7.50 -13.45 5.72
CA ASP A 26 -8.26 -14.43 6.49
C ASP A 26 -8.73 -13.90 7.84
N LEU A 27 -8.33 -12.68 8.18
CA LEU A 27 -8.71 -12.06 9.45
C LEU A 27 -10.18 -11.67 9.45
N PRO A 28 -10.80 -11.55 10.64
CA PRO A 28 -12.22 -11.17 10.68
C PRO A 28 -12.31 -9.72 10.17
N LEU A 29 -13.45 -9.35 9.62
CA LEU A 29 -13.63 -7.99 9.11
C LEU A 29 -13.28 -6.90 10.13
N GLU A 30 -13.74 -7.06 11.37
CA GLU A 30 -13.45 -6.06 12.39
C GLU A 30 -11.97 -5.85 12.64
N GLU A 31 -11.19 -6.93 12.58
CA GLU A 31 -9.76 -6.82 12.78
C GLU A 31 -9.09 -6.14 11.59
N ARG A 32 -9.64 -6.34 10.41
CA ARG A 32 -9.16 -5.73 9.17
C ARG A 32 -9.43 -4.23 9.21
N LEU A 33 -10.60 -3.86 9.72
CA LEU A 33 -10.98 -2.45 9.85
C LEU A 33 -10.09 -1.77 10.88
N THR A 34 -9.81 -2.46 11.98
CA THR A 34 -8.95 -1.92 13.02
C THR A 34 -7.55 -1.67 12.49
N LEU A 35 -7.03 -2.59 11.68
CA LEU A 35 -5.69 -2.44 11.11
C LEU A 35 -5.63 -1.27 10.13
N ALA A 36 -6.70 -1.07 9.37
CA ALA A 36 -6.75 0.03 8.42
C ALA A 36 -6.78 1.36 9.18
N ARG A 37 -7.56 1.39 10.25
CA ARG A 37 -7.68 2.60 11.07
C ARG A 37 -6.38 2.89 11.79
N LEU A 38 -5.73 1.85 12.29
CA LEU A 38 -4.45 2.03 12.99
C LEU A 38 -3.40 2.55 12.01
N GLY A 39 -3.42 2.01 10.80
CA GLY A 39 -2.48 2.45 9.78
C GLY A 39 -2.68 3.91 9.43
N THR A 40 -3.94 4.32 9.34
CA THR A 40 -4.28 5.70 9.00
C THR A 40 -3.81 6.64 10.12
N SER A 41 -4.05 6.27 11.36
CA SER A 41 -3.62 7.12 12.48
C SER A 41 -2.10 7.21 12.47
N HIS A 42 -1.44 6.11 12.16
CA HIS A 42 0.01 6.05 12.09
C HIS A 42 0.49 7.00 11.00
N TYR A 43 -0.12 6.90 9.81
CA TYR A 43 0.22 7.77 8.68
C TYR A 43 -0.02 9.24 9.05
N SER A 44 -1.17 9.51 9.65
CA SER A 44 -1.53 10.87 10.03
C SER A 44 -0.57 11.47 11.04
N ARG A 45 -0.02 10.63 11.92
CA ARG A 45 0.94 11.11 12.91
C ARG A 45 2.19 11.58 12.19
N GLN A 46 2.57 10.88 11.13
CA GLN A 46 3.74 11.25 10.37
C GLN A 46 3.51 12.55 9.61
N LEU A 47 2.32 12.69 9.04
CA LEU A 47 1.96 13.89 8.29
C LEU A 47 1.99 15.10 9.24
N SER A 48 1.53 14.88 10.46
CA SER A 48 1.50 15.92 11.47
C SER A 48 2.93 16.40 11.78
N LEU A 49 3.88 15.47 11.72
CA LEU A 49 5.28 15.79 11.98
C LEU A 49 5.93 16.60 10.87
N VAL A 50 5.43 16.44 9.63
CA VAL A 50 5.98 17.19 8.50
C VAL A 50 5.48 18.64 8.58
N ASP A 51 6.38 19.60 8.42
CA ASP A 51 5.99 21.00 8.45
C ASP A 51 5.47 21.42 7.07
N ASN A 52 4.57 22.39 7.05
CA ASN A 52 4.00 22.89 5.80
C ASN A 52 5.08 23.28 4.81
N ALA A 53 6.14 23.91 5.32
CA ALA A 53 7.24 24.35 4.46
C ALA A 53 7.97 23.18 3.81
N GLU A 54 7.76 21.98 4.35
CA GLU A 54 8.44 20.78 3.84
C GLU A 54 7.63 19.99 2.80
N PHE A 55 6.40 20.42 2.53
CA PHE A 55 5.55 19.74 1.57
C PHE A 55 6.13 19.73 0.15
N GLY A 56 6.82 20.79 -0.24
CA GLY A 56 7.39 20.84 -1.57
C GLY A 56 8.66 20.02 -1.74
N GLU A 57 9.18 19.49 -0.63
CA GLU A 57 10.40 18.68 -0.66
C GLU A 57 10.15 17.26 -1.18
N HIS A 58 11.22 16.58 -1.54
CA HIS A 58 11.09 15.22 -2.02
C HIS A 58 10.64 14.31 -0.93
N SER A 59 9.77 13.35 -1.25
CA SER A 59 9.38 12.36 -0.29
C SER A 59 10.51 11.34 -0.29
N LEU A 60 10.38 10.21 0.37
CA LEU A 60 11.44 9.23 0.31
C LEU A 60 11.19 8.34 -0.90
N LEU A 61 10.05 8.55 -1.56
CA LEU A 61 9.68 7.82 -2.75
C LEU A 61 10.20 8.56 -3.96
N GLU A 62 11.05 7.92 -4.77
CA GLU A 62 11.62 8.56 -5.95
C GLU A 62 10.58 9.11 -6.92
N GLY A 63 10.69 10.38 -7.23
CA GLY A 63 9.79 11.00 -8.20
C GLY A 63 8.57 11.67 -7.59
N TRP A 64 8.49 11.66 -6.26
CA TRP A 64 7.34 12.26 -5.57
C TRP A 64 7.74 13.29 -4.53
N THR A 65 7.20 14.49 -4.68
CA THR A 65 7.33 15.51 -3.66
C THR A 65 6.39 15.03 -2.56
N ARG A 66 6.49 15.56 -1.35
CA ARG A 66 5.55 15.12 -0.33
C ARG A 66 4.12 15.49 -0.74
N SER A 67 3.95 16.66 -1.35
CA SER A 67 2.62 17.09 -1.80
C SER A 67 1.97 16.08 -2.74
N HIS A 68 2.75 15.59 -3.71
CA HIS A 68 2.22 14.61 -4.65
C HIS A 68 1.74 13.39 -3.88
N LEU A 69 2.58 12.91 -2.98
CA LEU A 69 2.27 11.73 -2.16
C LEU A 69 1.02 11.92 -1.32
N ILE A 70 0.99 13.02 -0.58
CA ILE A 70 -0.13 13.35 0.29
C ILE A 70 -1.43 13.40 -0.52
N ALA A 71 -1.37 14.04 -1.68
CA ALA A 71 -2.54 14.15 -2.54
C ALA A 71 -2.97 12.76 -3.02
N ALA A 72 -2.01 11.99 -3.50
CA ALA A 72 -2.27 10.64 -4.00
C ALA A 72 -2.98 9.77 -2.96
N VAL A 73 -2.54 9.86 -1.71
CA VAL A 73 -3.16 9.08 -0.63
C VAL A 73 -4.62 9.48 -0.44
N ALA A 74 -4.91 10.78 -0.50
CA ALA A 74 -6.28 11.25 -0.34
C ALA A 74 -7.13 10.76 -1.51
N TYR A 75 -6.58 10.83 -2.73
CA TYR A 75 -7.33 10.39 -3.89
C TYR A 75 -7.56 8.88 -3.86
N ASN A 76 -6.69 8.15 -3.17
CA ASN A 76 -6.85 6.71 -3.03
C ASN A 76 -8.04 6.47 -2.10
N ALA A 77 -8.18 7.30 -1.08
CA ALA A 77 -9.29 7.16 -0.13
C ALA A 77 -10.61 7.38 -0.86
N ILE A 78 -10.64 8.39 -1.72
CA ILE A 78 -11.83 8.71 -2.50
C ILE A 78 -12.13 7.55 -3.45
N ALA A 79 -11.09 7.02 -4.08
CA ALA A 79 -11.24 5.90 -5.01
C ALA A 79 -11.84 4.67 -4.32
N LEU A 80 -11.40 4.42 -3.09
CA LEU A 80 -11.92 3.27 -2.36
C LEU A 80 -13.36 3.55 -1.94
N CYS A 81 -13.69 4.83 -1.76
CA CYS A 81 -15.06 5.20 -1.42
C CYS A 81 -15.95 4.82 -2.59
N ASN A 82 -15.44 5.01 -3.81
CA ASN A 82 -16.20 4.68 -5.00
C ASN A 82 -16.55 3.20 -5.01
N LEU A 83 -15.56 2.36 -4.74
CA LEU A 83 -15.78 0.92 -4.72
C LEU A 83 -16.80 0.52 -3.66
N MET A 84 -16.79 1.19 -2.51
CA MET A 84 -17.75 0.86 -1.46
C MET A 84 -19.16 1.30 -1.86
N HIS A 85 -19.26 2.36 -2.64
CA HIS A 85 -20.57 2.84 -3.11
C HIS A 85 -21.12 1.84 -4.14
N TRP A 86 -20.22 1.33 -4.97
CA TRP A 86 -20.55 0.34 -5.99
C TRP A 86 -21.06 -0.91 -5.25
N ALA A 87 -20.36 -1.28 -4.19
CA ALA A 87 -20.71 -2.46 -3.39
C ALA A 87 -22.07 -2.32 -2.71
N ASN A 88 -22.33 -1.14 -2.13
CA ASN A 88 -23.58 -0.91 -1.43
C ASN A 88 -24.78 -0.59 -2.30
N THR A 89 -24.56 -0.16 -3.53
CA THR A 89 -25.68 0.18 -4.41
C THR A 89 -25.84 -0.82 -5.55
N GLY A 90 -24.80 -1.57 -5.82
CA GLY A 90 -24.87 -2.54 -6.91
C GLY A 90 -24.60 -1.85 -8.25
N GLU A 91 -24.36 -0.54 -8.20
CA GLU A 91 -24.09 0.22 -9.41
C GLU A 91 -22.61 0.48 -9.59
N GLU A 92 -22.06 -0.02 -10.69
CA GLU A 92 -20.64 0.12 -10.99
C GLU A 92 -20.13 1.56 -10.93
N THR A 93 -19.07 1.74 -10.15
CA THR A 93 -18.42 3.04 -9.98
C THR A 93 -16.95 2.70 -9.82
N PRO A 94 -16.17 2.80 -10.90
CA PRO A 94 -14.74 2.49 -10.87
C PRO A 94 -13.94 3.35 -9.90
N MET A 95 -12.79 2.83 -9.47
CA MET A 95 -11.92 3.56 -8.55
C MET A 95 -11.58 4.92 -9.13
N TYR A 96 -11.18 4.92 -10.39
CA TYR A 96 -10.78 6.13 -11.09
C TYR A 96 -11.51 6.28 -12.43
N VAL A 97 -11.73 7.52 -12.85
CA VAL A 97 -12.40 7.80 -14.12
C VAL A 97 -11.60 7.16 -15.25
N SER A 98 -10.29 7.36 -15.21
CA SER A 98 -9.38 6.82 -16.20
C SER A 98 -7.96 7.01 -15.67
N PRO A 99 -6.98 6.35 -16.29
CA PRO A 99 -5.59 6.48 -15.86
C PRO A 99 -5.18 7.94 -15.94
N GLU A 100 -5.60 8.58 -17.03
CA GLU A 100 -5.31 9.99 -17.28
C GLU A 100 -5.87 10.88 -16.18
N ALA A 101 -7.18 10.79 -15.96
CA ALA A 101 -7.84 11.59 -14.94
C ALA A 101 -7.18 11.42 -13.57
N ARG A 102 -6.74 10.20 -13.31
CA ARG A 102 -6.03 9.87 -12.08
C ARG A 102 -4.84 10.78 -11.91
N ASN A 103 -3.88 10.65 -12.83
CA ASN A 103 -2.63 11.44 -12.80
C ASN A 103 -2.89 12.94 -12.82
N GLU A 104 -3.84 13.36 -13.65
CA GLU A 104 -4.18 14.77 -13.75
C GLU A 104 -4.71 15.34 -12.44
N GLU A 105 -5.42 14.52 -11.67
CA GLU A 105 -5.93 15.00 -10.40
C GLU A 105 -4.82 15.08 -9.37
N ILE A 106 -3.89 14.12 -9.40
CA ILE A 106 -2.78 14.14 -8.47
C ILE A 106 -1.92 15.36 -8.77
N ALA A 107 -1.77 15.65 -10.06
CA ALA A 107 -0.98 16.81 -10.49
C ALA A 107 -1.62 18.08 -9.91
N TYR A 108 -2.94 18.18 -10.00
CA TYR A 108 -3.66 19.33 -9.48
C TYR A 108 -3.49 19.42 -7.97
N GLY A 109 -3.82 18.33 -7.28
CA GLY A 109 -3.69 18.29 -5.83
C GLY A 109 -2.33 18.64 -5.29
N SER A 110 -1.28 18.24 -6.00
CA SER A 110 0.09 18.51 -5.56
C SER A 110 0.42 20.00 -5.52
N THR A 111 -0.38 20.82 -6.21
CA THR A 111 -0.16 22.26 -6.26
C THR A 111 -0.85 23.01 -5.13
N LEU A 112 -1.82 22.37 -4.49
CA LEU A 112 -2.57 23.01 -3.41
C LEU A 112 -1.68 23.37 -2.22
N ASN A 113 -2.09 24.38 -1.46
CA ASN A 113 -1.31 24.79 -0.31
C ASN A 113 -1.33 23.69 0.75
N PRO A 114 -0.29 23.65 1.60
CA PRO A 114 -0.21 22.64 2.65
C PRO A 114 -1.48 22.41 3.48
N ASP A 115 -2.10 23.48 3.99
CA ASP A 115 -3.29 23.30 4.78
C ASP A 115 -4.47 22.73 4.01
N ALA A 116 -4.59 23.10 2.73
CA ALA A 116 -5.69 22.59 1.91
C ALA A 116 -5.50 21.08 1.79
N LEU A 117 -4.26 20.65 1.64
CA LEU A 117 -3.95 19.23 1.52
C LEU A 117 -4.22 18.48 2.82
N ARG A 118 -3.87 19.08 3.95
CA ARG A 118 -4.12 18.46 5.25
C ARG A 118 -5.64 18.27 5.41
N ASN A 119 -6.41 19.27 4.98
CA ASN A 119 -7.87 19.18 5.08
C ASN A 119 -8.42 18.07 4.17
N LEU A 120 -7.85 17.96 2.98
CA LEU A 120 -8.27 16.94 2.01
C LEU A 120 -7.97 15.55 2.56
N HIS A 121 -6.80 15.38 3.15
CA HIS A 121 -6.44 14.10 3.72
C HIS A 121 -7.43 13.75 4.83
N GLU A 122 -7.59 14.67 5.77
CA GLU A 122 -8.50 14.46 6.88
C GLU A 122 -9.94 14.14 6.46
N HIS A 123 -10.49 14.94 5.56
CA HIS A 123 -11.86 14.72 5.12
C HIS A 123 -12.00 13.42 4.34
N SER A 124 -11.05 13.13 3.45
CA SER A 124 -11.12 11.90 2.67
C SER A 124 -11.05 10.69 3.59
N VAL A 125 -10.26 10.78 4.66
CA VAL A 125 -10.15 9.69 5.62
C VAL A 125 -11.50 9.47 6.30
N ALA A 126 -12.06 10.57 6.80
CA ALA A 126 -13.34 10.54 7.50
C ALA A 126 -14.47 9.97 6.65
N ARG A 127 -14.50 10.33 5.38
CA ARG A 127 -15.54 9.86 4.47
C ARG A 127 -15.41 8.37 4.16
N LEU A 128 -14.19 7.88 4.05
CA LEU A 128 -13.99 6.47 3.78
C LEU A 128 -14.41 5.64 5.00
N ASP A 129 -14.09 6.14 6.19
CA ASP A 129 -14.46 5.41 7.40
C ASP A 129 -15.98 5.32 7.51
N VAL A 130 -16.67 6.42 7.17
CA VAL A 130 -18.13 6.42 7.22
C VAL A 130 -18.66 5.40 6.23
N ALA A 131 -18.07 5.37 5.03
CA ALA A 131 -18.50 4.42 4.00
C ALA A 131 -18.38 2.98 4.52
N TRP A 132 -17.28 2.66 5.19
CA TRP A 132 -17.09 1.32 5.72
C TRP A 132 -18.09 1.00 6.82
N ARG A 133 -18.27 1.94 7.73
CA ARG A 133 -19.19 1.75 8.84
C ARG A 133 -20.65 1.55 8.43
N GLU A 134 -21.04 2.17 7.32
CA GLU A 134 -22.43 2.05 6.86
C GLU A 134 -22.62 0.96 5.83
N THR A 135 -21.57 0.17 5.58
CA THR A 135 -21.63 -0.91 4.61
C THR A 135 -22.41 -2.10 5.17
N SER A 136 -23.28 -2.68 4.35
CA SER A 136 -24.08 -3.82 4.78
C SER A 136 -23.27 -5.11 4.73
N GLU A 137 -23.75 -6.12 5.44
CA GLU A 137 -23.07 -7.41 5.47
C GLU A 137 -22.89 -8.03 4.09
N ASP A 138 -23.92 -7.99 3.26
CA ASP A 138 -23.82 -8.55 1.91
C ASP A 138 -22.87 -7.74 1.06
N ALA A 139 -22.93 -6.42 1.20
CA ALA A 139 -22.09 -5.52 0.41
C ALA A 139 -20.60 -5.85 0.52
N TRP A 140 -20.16 -6.24 1.71
CA TRP A 140 -18.76 -6.58 1.91
C TRP A 140 -18.26 -7.63 0.94
N SER A 141 -19.13 -8.55 0.53
CA SER A 141 -18.70 -9.57 -0.41
C SER A 141 -19.06 -9.24 -1.85
N HIS A 142 -19.62 -8.05 -2.07
CA HIS A 142 -19.98 -7.64 -3.42
C HIS A 142 -18.70 -7.51 -4.25
N GLU A 143 -18.79 -7.99 -5.48
CA GLU A 143 -17.67 -8.00 -6.41
C GLU A 143 -17.38 -6.66 -7.08
N VAL A 144 -16.13 -6.21 -6.99
CA VAL A 144 -15.73 -4.94 -7.61
C VAL A 144 -14.40 -5.10 -8.35
N LEU A 145 -14.01 -4.05 -9.06
CA LEU A 145 -12.77 -4.09 -9.85
C LEU A 145 -11.79 -3.03 -9.36
N THR A 146 -10.54 -3.44 -9.17
CA THR A 146 -9.49 -2.53 -8.72
C THR A 146 -8.97 -1.79 -9.94
N ALA A 147 -8.16 -0.77 -9.72
CA ALA A 147 -7.59 0.00 -10.81
C ALA A 147 -6.66 -0.87 -11.65
N GLN A 148 -6.14 -1.94 -11.06
CA GLN A 148 -5.24 -2.84 -11.78
C GLN A 148 -5.98 -4.00 -12.47
N GLY A 149 -7.30 -3.88 -12.55
CA GLY A 149 -8.09 -4.90 -13.22
C GLY A 149 -8.38 -6.19 -12.47
N ARG A 150 -8.20 -6.19 -11.16
CA ARG A 150 -8.46 -7.39 -10.37
C ARG A 150 -9.89 -7.41 -9.87
N THR A 151 -10.51 -8.60 -9.91
CA THR A 151 -11.88 -8.77 -9.45
C THR A 151 -11.81 -9.25 -8.01
N VAL A 152 -12.29 -8.41 -7.09
CA VAL A 152 -12.24 -8.73 -5.68
C VAL A 152 -13.49 -8.32 -4.92
N PRO A 153 -13.68 -8.87 -3.71
CA PRO A 153 -14.86 -8.50 -2.94
C PRO A 153 -14.59 -7.08 -2.40
N ALA A 154 -15.64 -6.33 -2.14
CA ALA A 154 -15.49 -4.96 -1.64
C ALA A 154 -14.62 -4.88 -0.40
N SER A 155 -14.62 -5.94 0.41
CA SER A 155 -13.82 -5.97 1.62
C SER A 155 -12.33 -5.77 1.31
N GLU A 156 -11.96 -6.04 0.07
CA GLU A 156 -10.57 -5.87 -0.36
C GLU A 156 -10.10 -4.44 -0.09
N THR A 157 -11.02 -3.49 -0.05
CA THR A 157 -10.64 -2.10 0.19
C THR A 157 -9.95 -1.92 1.54
N LEU A 158 -10.30 -2.76 2.51
CA LEU A 158 -9.69 -2.69 3.83
C LEU A 158 -8.20 -3.01 3.67
N TRP A 159 -7.89 -3.99 2.85
CA TRP A 159 -6.50 -4.38 2.60
C TRP A 159 -5.78 -3.32 1.77
N MET A 160 -6.43 -2.90 0.68
CA MET A 160 -5.85 -1.90 -0.21
C MET A 160 -5.51 -0.62 0.55
N ARG A 161 -6.41 -0.16 1.41
CA ARG A 161 -6.13 1.04 2.17
C ARG A 161 -5.00 0.83 3.18
N SER A 162 -4.99 -0.32 3.84
CA SER A 162 -3.94 -0.62 4.81
C SER A 162 -2.57 -0.61 4.14
N ARG A 163 -2.51 -1.20 2.95
CA ARG A 163 -1.29 -1.25 2.16
C ARG A 163 -0.80 0.17 1.91
N GLU A 164 -1.73 1.06 1.54
CA GLU A 164 -1.42 2.45 1.25
C GLU A 164 -0.86 3.23 2.43
N VAL A 165 -1.62 3.30 3.51
CA VAL A 165 -1.22 4.05 4.70
C VAL A 165 0.00 3.53 5.46
N TRP A 166 0.07 2.22 5.69
CA TRP A 166 1.22 1.68 6.42
C TRP A 166 2.55 1.88 5.70
N ILE A 167 2.54 1.75 4.38
CA ILE A 167 3.76 1.93 3.60
C ILE A 167 4.07 3.39 3.34
N HIS A 168 3.09 4.16 2.90
CA HIS A 168 3.32 5.56 2.61
C HIS A 168 3.65 6.37 3.85
N ALA A 169 3.39 5.80 5.03
CA ALA A 169 3.70 6.48 6.28
C ALA A 169 5.22 6.61 6.31
N VAL A 170 5.90 5.58 5.80
CA VAL A 170 7.36 5.56 5.75
C VAL A 170 7.88 6.56 4.71
N ASP A 171 7.23 6.58 3.55
CA ASP A 171 7.62 7.48 2.46
C ASP A 171 7.57 8.96 2.84
N LEU A 172 6.72 9.31 3.80
CA LEU A 172 6.60 10.71 4.21
C LEU A 172 7.92 11.28 4.72
N GLY A 173 8.82 10.41 5.15
CA GLY A 173 10.11 10.87 5.60
C GLY A 173 10.19 11.52 6.97
N ALA A 174 9.34 11.08 7.89
CA ALA A 174 9.38 11.60 9.24
C ALA A 174 10.09 10.54 10.07
N VAL A 175 9.36 9.76 10.87
CA VAL A 175 10.02 8.73 11.67
C VAL A 175 9.47 7.31 11.52
N ALA A 176 8.47 7.11 10.66
CA ALA A 176 7.89 5.79 10.48
C ALA A 176 8.84 4.84 9.75
N THR A 177 8.73 3.56 10.08
CA THR A 177 9.59 2.53 9.47
C THR A 177 8.75 1.30 9.08
N PHE A 178 9.37 0.36 8.38
CA PHE A 178 8.68 -0.87 8.00
C PHE A 178 8.56 -1.72 9.26
N GLY A 179 9.45 -1.47 10.22
CA GLY A 179 9.43 -2.22 11.48
C GLY A 179 8.19 -1.88 12.27
N ASP A 180 7.63 -0.69 12.02
CA ASP A 180 6.42 -0.25 12.71
C ASP A 180 5.18 -1.02 12.23
N ILE A 181 5.23 -1.52 11.01
CA ILE A 181 4.11 -2.24 10.40
C ILE A 181 3.79 -3.61 10.99
N PRO A 182 2.54 -3.83 11.44
CA PRO A 182 2.14 -5.12 12.00
C PRO A 182 2.57 -6.26 11.10
N GLU A 183 3.15 -7.29 11.71
CA GLU A 183 3.64 -8.46 10.99
C GLU A 183 2.65 -9.08 10.00
N VAL A 184 1.38 -9.18 10.38
CA VAL A 184 0.38 -9.76 9.48
C VAL A 184 0.32 -8.97 8.16
N ILE A 185 0.55 -7.67 8.24
CA ILE A 185 0.52 -6.84 7.04
C ILE A 185 1.80 -7.05 6.22
N LEU A 186 2.94 -7.15 6.90
CA LEU A 186 4.21 -7.37 6.22
C LEU A 186 4.22 -8.73 5.51
N ARG A 187 3.68 -9.74 6.17
CA ARG A 187 3.62 -11.09 5.59
C ARG A 187 2.74 -11.07 4.34
N THR A 188 1.61 -10.37 4.44
CA THR A 188 0.68 -10.28 3.32
C THR A 188 1.34 -9.54 2.17
N LEU A 189 2.13 -8.53 2.51
CA LEU A 189 2.83 -7.74 1.49
C LEU A 189 3.91 -8.57 0.80
N ALA A 190 4.64 -9.35 1.60
CA ALA A 190 5.70 -10.20 1.08
C ALA A 190 5.13 -11.16 0.05
N ALA A 191 3.98 -11.75 0.38
CA ALA A 191 3.31 -12.70 -0.51
C ALA A 191 2.74 -12.00 -1.74
N GLU A 192 2.04 -10.88 -1.54
CA GLU A 192 1.42 -10.16 -2.65
C GLU A 192 2.44 -9.69 -3.69
N ILE A 193 3.48 -9.01 -3.25
CA ILE A 193 4.50 -8.50 -4.16
C ILE A 193 5.14 -9.60 -5.00
N THR A 194 5.57 -10.68 -4.36
CA THR A 194 6.19 -11.78 -5.09
C THR A 194 5.19 -12.54 -5.95
N GLN A 195 3.93 -12.58 -5.53
CA GLN A 195 2.89 -13.25 -6.32
C GLN A 195 2.67 -12.40 -7.58
N LYS A 196 2.74 -11.09 -7.44
CA LYS A 196 2.54 -10.21 -8.59
C LYS A 196 3.68 -10.40 -9.58
N TRP A 197 4.92 -10.41 -9.08
CA TRP A 197 6.08 -10.61 -9.95
C TRP A 197 5.90 -11.93 -10.68
N THR A 198 5.59 -12.97 -9.92
CA THR A 198 5.40 -14.31 -10.47
C THR A 198 4.38 -14.29 -11.62
N SER A 199 3.22 -13.69 -11.38
CA SER A 199 2.17 -13.65 -12.40
C SER A 199 2.63 -12.97 -13.68
N GLN A 200 3.63 -12.10 -13.58
CA GLN A 200 4.13 -11.38 -14.74
C GLN A 200 5.45 -11.94 -15.24
N GLY A 201 5.88 -13.06 -14.69
CA GLY A 201 7.14 -13.66 -15.11
C GLY A 201 8.38 -12.89 -14.69
N ALA A 202 8.22 -12.00 -13.71
CA ALA A 202 9.35 -11.20 -13.23
C ALA A 202 10.15 -11.88 -12.12
N GLY A 203 11.40 -11.44 -11.96
CA GLY A 203 12.26 -11.97 -10.93
C GLY A 203 12.64 -13.43 -11.06
N GLU A 204 12.99 -13.87 -12.27
CA GLU A 204 13.37 -15.26 -12.48
C GLU A 204 14.49 -15.67 -11.53
N GLY A 205 14.26 -16.72 -10.75
CA GLY A 205 15.28 -17.20 -9.84
C GLY A 205 15.40 -16.43 -8.53
N LEU A 206 14.77 -15.27 -8.43
CA LEU A 206 14.85 -14.47 -7.21
C LEU A 206 13.91 -15.00 -6.14
N VAL A 207 14.42 -15.17 -4.93
CA VAL A 207 13.62 -15.66 -3.81
C VAL A 207 13.89 -14.82 -2.56
N LEU A 208 12.84 -14.34 -1.92
CA LEU A 208 13.00 -13.55 -0.70
C LEU A 208 12.93 -14.52 0.47
N LEU A 209 13.80 -14.34 1.46
CA LEU A 209 13.77 -15.23 2.62
C LEU A 209 13.61 -14.51 3.95
N ASP A 210 12.53 -14.83 4.63
CA ASP A 210 12.30 -14.31 5.96
C ASP A 210 13.13 -15.21 6.84
N GLU A 211 14.38 -14.91 7.06
CA GLU A 211 15.28 -15.82 7.77
C GLU A 211 14.81 -16.25 9.15
N PRO A 212 14.43 -15.29 10.02
CA PRO A 212 13.98 -15.68 11.36
C PRO A 212 12.86 -16.74 11.35
N SER A 213 11.91 -16.60 10.43
CA SER A 213 10.80 -17.54 10.37
C SER A 213 10.98 -18.64 9.31
N SER A 214 12.12 -18.60 8.62
CA SER A 214 12.41 -19.60 7.59
C SER A 214 11.29 -19.68 6.55
N THR A 215 10.82 -18.53 6.08
CA THR A 215 9.75 -18.50 5.09
C THR A 215 10.24 -17.90 3.77
N ARG A 216 10.14 -18.69 2.70
CA ARG A 216 10.56 -18.26 1.39
C ARG A 216 9.39 -17.66 0.59
N TYR A 217 9.69 -16.59 -0.16
CA TYR A 217 8.70 -15.92 -0.99
C TYR A 217 9.31 -15.85 -2.38
N PRO A 218 9.15 -16.92 -3.16
CA PRO A 218 9.71 -16.95 -4.51
C PRO A 218 8.95 -16.14 -5.56
N ALA A 219 9.67 -15.75 -6.61
CA ALA A 219 9.10 -15.00 -7.72
C ALA A 219 8.98 -16.02 -8.87
N ALA A 220 9.16 -15.59 -10.10
CA ALA A 220 9.07 -16.49 -11.24
C ALA A 220 10.23 -17.50 -11.20
N PRO A 221 10.00 -18.76 -11.61
CA PRO A 221 11.08 -19.74 -11.58
C PRO A 221 12.22 -19.40 -12.54
N GLY A 222 13.43 -19.82 -12.18
CA GLY A 222 14.59 -19.57 -13.00
C GLY A 222 15.69 -20.55 -12.69
N GLN A 223 16.68 -20.68 -13.57
CA GLN A 223 17.77 -21.62 -13.36
C GLN A 223 18.76 -21.18 -12.29
N ASP A 224 19.05 -19.89 -12.24
CA ASP A 224 20.01 -19.39 -11.25
C ASP A 224 19.30 -18.73 -10.07
N GLU A 225 19.27 -19.44 -8.96
CA GLU A 225 18.62 -18.93 -7.76
C GLU A 225 19.46 -17.88 -7.05
N VAL A 226 18.79 -16.84 -6.58
CA VAL A 226 19.45 -15.77 -5.83
C VAL A 226 18.53 -15.52 -4.65
N VAL A 227 19.00 -15.83 -3.45
CA VAL A 227 18.20 -15.65 -2.25
C VAL A 227 18.55 -14.35 -1.53
N VAL A 228 17.57 -13.47 -1.39
CA VAL A 228 17.76 -12.21 -0.68
C VAL A 228 17.10 -12.39 0.68
N SER A 229 17.89 -12.40 1.74
CA SER A 229 17.33 -12.63 3.07
C SER A 229 17.53 -11.54 4.12
N GLY A 230 16.69 -11.62 5.14
CA GLY A 230 16.74 -10.67 6.24
C GLY A 230 15.49 -10.85 7.06
N SER A 231 15.16 -9.88 7.90
CA SER A 231 13.95 -9.97 8.71
C SER A 231 12.80 -9.66 7.76
N LEU A 232 11.57 -9.92 8.20
CA LEU A 232 10.40 -9.66 7.38
C LEU A 232 10.36 -8.19 6.97
N ALA A 233 10.61 -7.29 7.92
CA ALA A 233 10.60 -5.86 7.62
C ALA A 233 11.66 -5.55 6.56
N GLY A 234 12.78 -6.26 6.66
CA GLY A 234 13.88 -6.06 5.72
C GLY A 234 13.55 -6.48 4.29
N ILE A 235 12.98 -7.66 4.12
CA ILE A 235 12.65 -8.13 2.78
C ILE A 235 11.46 -7.39 2.17
N VAL A 236 10.55 -6.88 2.99
CA VAL A 236 9.41 -6.15 2.46
C VAL A 236 9.88 -4.77 1.98
N ARG A 237 10.77 -4.13 2.72
CA ARG A 237 11.30 -2.83 2.31
C ARG A 237 12.01 -3.02 0.97
N TYR A 238 12.76 -4.11 0.88
CA TYR A 238 13.50 -4.45 -0.33
C TYR A 238 12.56 -4.69 -1.51
N ALA A 239 11.63 -5.63 -1.34
CA ALA A 239 10.67 -5.97 -2.38
C ALA A 239 9.83 -4.78 -2.84
N ALA A 240 9.47 -3.90 -1.92
CA ALA A 240 8.67 -2.72 -2.25
C ALA A 240 9.50 -1.67 -2.97
N GLY A 241 10.76 -1.99 -3.25
CA GLY A 241 11.65 -1.07 -3.94
C GLY A 241 12.10 0.12 -3.12
N ARG A 242 12.14 -0.02 -1.81
CA ARG A 242 12.54 1.09 -0.94
C ARG A 242 13.86 0.91 -0.20
N GLY A 243 14.76 0.10 -0.76
CA GLY A 243 16.05 -0.08 -0.12
C GLY A 243 16.48 -1.50 0.19
N SER A 244 17.79 -1.73 0.15
CA SER A 244 18.38 -3.04 0.41
C SER A 244 19.13 -3.09 1.72
N ASP A 245 19.08 -2.01 2.50
CA ASP A 245 19.81 -1.96 3.77
C ASP A 245 19.49 -3.11 4.73
N GLY A 246 18.26 -3.61 4.68
CA GLY A 246 17.88 -4.68 5.58
C GLY A 246 18.09 -6.10 5.07
N VAL A 247 18.76 -6.26 3.93
CA VAL A 247 18.95 -7.60 3.39
C VAL A 247 20.35 -7.89 2.85
N THR A 248 20.64 -9.17 2.65
CA THR A 248 21.92 -9.62 2.09
C THR A 248 21.59 -10.64 1.01
N SER A 249 22.52 -10.88 0.10
CA SER A 249 22.32 -11.83 -1.00
C SER A 249 23.17 -13.08 -0.88
N SER A 250 22.64 -14.20 -1.37
CA SER A 250 23.34 -15.47 -1.33
C SER A 250 24.50 -15.48 -2.32
N THR A 251 24.52 -14.50 -3.22
CA THR A 251 25.58 -14.39 -4.22
C THR A 251 26.52 -13.25 -3.86
N GLY A 252 26.30 -12.64 -2.70
CA GLY A 252 27.14 -11.55 -2.26
C GLY A 252 26.75 -10.18 -2.81
N GLU A 253 25.84 -10.16 -3.78
CA GLU A 253 25.40 -8.91 -4.38
C GLU A 253 23.87 -8.90 -4.49
N VAL A 254 23.25 -7.91 -3.86
CA VAL A 254 21.78 -7.80 -3.90
C VAL A 254 21.37 -7.15 -5.21
N PRO A 255 20.63 -7.87 -6.06
CA PRO A 255 20.20 -7.28 -7.32
C PRO A 255 19.02 -6.35 -7.09
N GLU A 256 18.76 -5.47 -8.05
CA GLU A 256 17.60 -4.60 -7.92
C GLU A 256 16.40 -5.49 -8.18
N PRO A 257 15.39 -5.43 -7.31
CA PRO A 257 14.19 -6.26 -7.48
C PRO A 257 13.31 -5.77 -8.61
N PRO A 258 12.39 -6.63 -9.09
CA PRO A 258 11.50 -6.21 -10.18
C PRO A 258 10.72 -5.02 -9.62
N ARG A 259 10.17 -4.19 -10.49
CA ARG A 259 9.42 -3.04 -10.00
C ARG A 259 8.06 -3.43 -9.40
N TRP A 260 7.58 -2.59 -8.49
CA TRP A 260 6.30 -2.80 -7.84
C TRP A 260 5.66 -1.42 -7.62
S SO4 B . -4.40 -3.87 -6.71
O1 SO4 B . -5.33 -4.54 -7.64
O2 SO4 B . -5.02 -2.62 -6.21
O3 SO4 B . -3.16 -3.55 -7.41
O4 SO4 B . -4.14 -4.75 -5.56
S SO4 C . 13.07 -0.19 8.51
O1 SO4 C . 14.07 0.52 9.34
O2 SO4 C . 12.30 -1.12 9.35
O3 SO4 C . 12.16 0.80 7.91
O4 SO4 C . 13.77 -0.92 7.46
S SO4 D . -4.47 2.55 -6.33
O1 SO4 D . -5.03 3.69 -5.69
O2 SO4 D . -4.40 1.41 -5.50
O3 SO4 D . -5.12 2.14 -7.50
O4 SO4 D . -3.21 2.93 -6.73
C1 GOL E . -0.66 6.29 -4.44
O1 GOL E . -1.90 5.72 -4.30
C2 GOL E . 0.46 5.26 -4.40
O2 GOL E . 0.14 4.04 -3.90
C3 GOL E . 1.58 5.26 -5.46
O3 GOL E . 2.85 4.80 -5.07
C1 GOL F . 1.36 0.26 -3.69
O1 GOL F . 0.98 1.30 -2.92
C2 GOL F . 0.13 -0.47 -4.30
O2 GOL F . -0.99 0.29 -4.12
C3 GOL F . 0.32 -0.73 -5.74
O3 GOL F . 1.56 -1.25 -5.77
#